data_8DLC
#
_entry.id   8DLC
#
_cell.length_a   49.420
_cell.length_b   49.420
_cell.length_c   170.851
_cell.angle_alpha   90.000
_cell.angle_beta   90.000
_cell.angle_gamma   120.000
#
_symmetry.space_group_name_H-M   'P 32 2 1'
#
loop_
_entity.id
_entity.type
_entity.pdbx_description
1 polymer 'Chalcone-flavonone isomerase family protein'
2 water water
#
_entity_poly.entity_id   1
_entity_poly.type   'polypeptide(L)'
_entity_poly.pdbx_seq_one_letter_code
;RGSHGGSMGTEMVMVDEIPFPPQITTAKPLCLLGYGITDIEIHFLQIKFTAIGVYLEPEIVGHLQPWKGKSGKELAENDD
FFEALISAPGEKFLRIVVIKEIKGSQYGVQLESAVRDRLAADDKYEEEEEEALEKVVEFFQSKYFKKDSIITFHFPATSF
TAEIVFATEGKEESKITVENANVVEMIKKWYLGGTRGVSPTTISALANTLATELSK
;
_entity_poly.pdbx_strand_id   A
#
# COMPACT_ATOMS: atom_id res chain seq x y z
N THR A 10 -10.39 -15.38 -16.01
CA THR A 10 -9.98 -14.01 -16.33
C THR A 10 -8.45 -13.87 -16.24
N GLU A 11 -7.91 -12.96 -17.05
CA GLU A 11 -6.47 -12.88 -17.25
C GLU A 11 -5.80 -12.10 -16.12
N MET A 12 -4.59 -12.54 -15.76
CA MET A 12 -3.78 -11.81 -14.83
C MET A 12 -3.31 -10.50 -15.45
N VAL A 13 -3.20 -9.47 -14.61
CA VAL A 13 -2.66 -8.17 -15.04
C VAL A 13 -1.17 -8.17 -14.78
N MET A 14 -0.37 -8.00 -15.85
CA MET A 14 1.08 -7.99 -15.73
C MET A 14 1.53 -6.58 -15.33
N VAL A 15 2.10 -6.46 -14.13
CA VAL A 15 2.64 -5.23 -13.60
C VAL A 15 4.17 -5.37 -13.62
N ASP A 16 4.82 -4.71 -14.57
CA ASP A 16 6.25 -4.89 -14.81
C ASP A 16 6.63 -6.38 -14.76
N GLU A 17 5.93 -7.18 -15.56
CA GLU A 17 6.21 -8.60 -15.76
C GLU A 17 5.88 -9.48 -14.56
N ILE A 18 5.24 -8.95 -13.55
CA ILE A 18 4.75 -9.71 -12.40
C ILE A 18 3.24 -9.80 -12.48
N PRO A 19 2.65 -10.99 -12.37
CA PRO A 19 1.20 -11.11 -12.44
C PRO A 19 0.47 -10.67 -11.18
N PHE A 20 -0.65 -9.97 -11.39
CA PHE A 20 -1.53 -9.51 -10.33
C PHE A 20 -2.95 -9.92 -10.70
N PRO A 21 -3.73 -10.50 -9.78
CA PRO A 21 -5.16 -10.72 -10.06
C PRO A 21 -5.86 -9.40 -10.34
N PRO A 22 -6.83 -9.38 -11.25
CA PRO A 22 -7.63 -8.15 -11.45
C PRO A 22 -8.63 -7.91 -10.35
N GLN A 23 -8.94 -8.93 -9.57
CA GLN A 23 -9.90 -8.87 -8.48
C GLN A 23 -9.40 -9.76 -7.35
N ILE A 24 -9.56 -9.28 -6.13
CA ILE A 24 -9.33 -10.04 -4.90
C ILE A 24 -10.57 -9.92 -4.02
N THR A 25 -10.96 -11.01 -3.37
CA THR A 25 -12.13 -11.00 -2.50
C THR A 25 -11.68 -11.11 -1.05
N THR A 26 -12.03 -10.10 -0.25
CA THR A 26 -11.86 -10.17 1.20
C THR A 26 -13.26 -10.37 1.78
N ALA A 27 -13.74 -9.40 2.55
CA ALA A 27 -15.16 -9.35 2.91
C ALA A 27 -16.05 -8.97 1.73
N LYS A 28 -15.49 -8.34 0.72
CA LYS A 28 -16.20 -7.85 -0.46
C LYS A 28 -15.30 -8.09 -1.66
N PRO A 29 -15.87 -8.14 -2.86
CA PRO A 29 -15.05 -8.12 -4.07
C PRO A 29 -14.32 -6.79 -4.22
N LEU A 30 -13.01 -6.85 -4.46
CA LEU A 30 -12.18 -5.66 -4.61
C LEU A 30 -11.52 -5.69 -5.97
N CYS A 31 -11.49 -4.53 -6.62
CA CYS A 31 -10.87 -4.37 -7.93
C CYS A 31 -9.48 -3.77 -7.84
N LEU A 32 -8.61 -4.21 -8.74
CA LEU A 32 -7.30 -3.61 -8.94
C LEU A 32 -7.48 -2.27 -9.61
N LEU A 33 -7.27 -1.17 -8.85
CA LEU A 33 -7.51 0.16 -9.38
C LEU A 33 -6.24 0.98 -9.53
N GLY A 34 -5.11 0.44 -9.13
CA GLY A 34 -3.83 1.09 -9.31
C GLY A 34 -2.73 0.08 -9.12
N TYR A 35 -1.63 0.31 -9.84
CA TYR A 35 -0.46 -0.54 -9.71
C TYR A 35 0.71 0.29 -10.19
N GLY A 36 1.89 -0.14 -9.77
CA GLY A 36 3.13 0.58 -10.04
C GLY A 36 4.29 -0.15 -9.38
N ILE A 37 5.39 0.54 -9.20
CA ILE A 37 6.61 -0.04 -8.65
C ILE A 37 7.24 0.97 -7.70
N THR A 38 8.12 0.45 -6.84
CA THR A 38 9.11 1.24 -6.12
C THR A 38 10.44 1.01 -6.83
N ASP A 39 11.22 2.08 -6.97
CA ASP A 39 12.48 2.02 -7.69
C ASP A 39 13.32 3.23 -7.33
N ILE A 40 14.57 3.20 -7.79
CA ILE A 40 15.45 4.36 -7.77
C ILE A 40 16.04 4.52 -9.16
N GLU A 41 16.09 5.76 -9.66
CA GLU A 41 16.76 6.12 -10.91
C GLU A 41 17.93 7.01 -10.50
N ILE A 42 19.15 6.49 -10.66
CA ILE A 42 20.35 7.24 -10.27
C ILE A 42 21.51 6.76 -11.14
N HIS A 43 22.50 7.65 -11.32
CA HIS A 43 23.65 7.35 -12.17
C HIS A 43 23.21 6.79 -13.52
N PHE A 44 22.08 7.26 -14.04
CA PHE A 44 21.59 6.91 -15.36
C PHE A 44 21.14 5.45 -15.45
N LEU A 45 20.61 4.93 -14.35
N LEU A 45 20.68 4.89 -14.35
CA LEU A 45 20.29 3.50 -14.17
CA LEU A 45 20.12 3.55 -14.43
C LEU A 45 19.04 3.38 -13.32
C LEU A 45 19.04 3.37 -13.38
N GLN A 46 18.15 2.45 -13.69
CA GLN A 46 16.97 2.17 -12.89
C GLN A 46 17.11 0.85 -12.16
N ILE A 47 16.77 0.84 -10.88
CA ILE A 47 16.79 -0.36 -10.07
C ILE A 47 15.43 -0.52 -9.43
N LYS A 48 14.74 -1.61 -9.74
CA LYS A 48 13.36 -1.82 -9.31
C LYS A 48 13.32 -2.68 -8.04
N PHE A 49 12.56 -2.24 -7.06
CA PHE A 49 12.53 -2.87 -5.75
C PHE A 49 11.29 -3.75 -5.57
N THR A 50 10.11 -3.19 -5.84
CA THR A 50 8.89 -3.95 -5.65
C THR A 50 7.86 -3.53 -6.69
N ALA A 51 6.89 -4.41 -6.92
CA ALA A 51 5.66 -4.06 -7.64
C ALA A 51 4.49 -4.02 -6.67
N ILE A 52 3.55 -3.11 -6.91
CA ILE A 52 2.45 -2.83 -6.00
C ILE A 52 1.13 -2.93 -6.77
N GLY A 53 0.14 -3.52 -6.15
CA GLY A 53 -1.22 -3.43 -6.64
C GLY A 53 -2.10 -2.91 -5.52
N VAL A 54 -3.02 -2.03 -5.89
CA VAL A 54 -3.96 -1.44 -4.93
C VAL A 54 -5.36 -1.91 -5.26
N TYR A 55 -6.03 -2.52 -4.30
CA TYR A 55 -7.33 -3.14 -4.52
C TYR A 55 -8.33 -2.40 -3.65
N LEU A 56 -9.41 -1.93 -4.26
CA LEU A 56 -10.43 -1.16 -3.56
C LEU A 56 -11.82 -1.62 -4.01
N GLU A 57 -12.81 -1.32 -3.18
CA GLU A 57 -14.17 -1.60 -3.54
C GLU A 57 -14.58 -0.67 -4.68
N PRO A 58 -15.30 -1.19 -5.68
CA PRO A 58 -15.82 -0.28 -6.72
C PRO A 58 -16.66 0.86 -6.16
N GLU A 59 -17.37 0.63 -5.05
CA GLU A 59 -18.16 1.66 -4.40
C GLU A 59 -17.32 2.81 -3.87
N ILE A 60 -15.99 2.69 -3.87
CA ILE A 60 -15.20 3.81 -3.38
C ILE A 60 -15.45 5.01 -4.29
N VAL A 61 -15.82 4.76 -5.55
CA VAL A 61 -16.08 5.90 -6.43
C VAL A 61 -17.21 6.75 -5.86
N GLY A 62 -18.15 6.12 -5.14
CA GLY A 62 -19.24 6.90 -4.51
C GLY A 62 -18.77 7.72 -3.31
N HIS A 63 -17.77 7.23 -2.58
CA HIS A 63 -17.21 8.01 -1.49
C HIS A 63 -16.35 9.16 -1.97
N LEU A 64 -15.95 9.18 -3.24
CA LEU A 64 -15.04 10.21 -3.71
C LEU A 64 -15.72 11.19 -4.65
N GLN A 65 -17.02 11.28 -4.58
CA GLN A 65 -17.78 12.15 -5.46
C GLN A 65 -17.44 13.62 -5.34
N PRO A 66 -16.90 14.13 -4.23
CA PRO A 66 -16.48 15.52 -4.25
C PRO A 66 -15.42 15.81 -5.33
N TRP A 67 -14.74 14.79 -5.88
CA TRP A 67 -13.70 15.04 -6.88
C TRP A 67 -14.15 14.69 -8.29
N LYS A 68 -15.44 14.53 -8.52
CA LYS A 68 -15.90 14.19 -9.87
C LYS A 68 -15.60 15.33 -10.85
N GLY A 69 -15.33 14.94 -12.10
CA GLY A 69 -14.94 15.88 -13.12
C GLY A 69 -13.48 16.29 -13.11
N LYS A 70 -12.72 15.93 -12.07
CA LYS A 70 -11.31 16.26 -12.04
C LYS A 70 -10.52 15.27 -12.90
N SER A 71 -9.44 15.77 -13.50
CA SER A 71 -8.59 14.94 -14.34
C SER A 71 -7.57 14.16 -13.52
N GLY A 72 -7.00 13.15 -14.15
CA GLY A 72 -6.00 12.35 -13.48
C GLY A 72 -4.80 13.17 -13.03
N LYS A 73 -4.40 14.14 -13.86
CA LYS A 73 -3.26 14.97 -13.47
C LYS A 73 -3.55 15.86 -12.26
N GLU A 74 -4.74 16.45 -12.18
CA GLU A 74 -4.99 17.27 -10.98
C GLU A 74 -5.31 16.41 -9.76
N LEU A 75 -5.81 15.20 -9.94
CA LEU A 75 -6.07 14.31 -8.78
C LEU A 75 -4.73 13.77 -8.27
N ALA A 76 -3.75 13.59 -9.14
CA ALA A 76 -2.40 13.05 -8.81
C ALA A 76 -1.64 14.03 -7.89
N GLU A 77 -1.90 15.32 -8.00
CA GLU A 77 -1.26 16.38 -7.18
C GLU A 77 -2.21 16.83 -6.07
N ASN A 78 -3.32 16.13 -5.81
CA ASN A 78 -4.30 16.58 -4.83
C ASN A 78 -4.22 15.72 -3.58
N ASP A 79 -3.53 16.21 -2.56
CA ASP A 79 -3.36 15.44 -1.34
C ASP A 79 -4.65 15.37 -0.51
N ASP A 80 -5.60 16.30 -0.68
CA ASP A 80 -6.89 16.09 -0.03
C ASP A 80 -7.62 14.89 -0.61
N PHE A 81 -7.50 14.69 -1.92
CA PHE A 81 -8.15 13.55 -2.56
C PHE A 81 -7.63 12.25 -1.97
N PHE A 82 -6.31 12.11 -1.88
CA PHE A 82 -5.72 10.89 -1.36
C PHE A 82 -5.98 10.73 0.12
N GLU A 83 -6.06 11.84 0.86
CA GLU A 83 -6.48 11.75 2.24
C GLU A 83 -7.89 11.20 2.35
N ALA A 84 -8.79 11.60 1.45
CA ALA A 84 -10.15 11.05 1.50
C ALA A 84 -10.15 9.59 1.08
N LEU A 85 -9.33 9.24 0.11
CA LEU A 85 -9.31 7.85 -0.30
C LEU A 85 -8.81 6.96 0.84
N ILE A 86 -7.76 7.41 1.53
CA ILE A 86 -7.16 6.64 2.63
C ILE A 86 -8.17 6.41 3.74
N SER A 87 -9.01 7.41 4.01
CA SER A 87 -9.94 7.32 5.12
C SER A 87 -11.34 6.93 4.70
N ALA A 88 -11.61 6.81 3.39
CA ALA A 88 -12.92 6.41 2.93
C ALA A 88 -13.38 5.13 3.62
N PRO A 89 -14.68 4.96 3.84
CA PRO A 89 -15.16 3.68 4.37
C PRO A 89 -14.93 2.57 3.35
N GLY A 90 -14.72 1.36 3.85
CA GLY A 90 -14.72 0.18 3.02
C GLY A 90 -13.43 -0.60 3.15
N GLU A 91 -13.45 -1.80 2.53
CA GLU A 91 -12.31 -2.69 2.50
C GLU A 91 -11.22 -2.21 1.55
N LYS A 92 -9.96 -2.44 1.95
CA LYS A 92 -8.82 -2.08 1.12
C LYS A 92 -7.74 -3.14 1.26
N PHE A 93 -6.97 -3.34 0.21
CA PHE A 93 -5.98 -4.40 0.19
C PHE A 93 -4.80 -3.95 -0.65
N LEU A 94 -3.57 -4.05 -0.09
CA LEU A 94 -2.36 -3.78 -0.84
C LEU A 94 -1.62 -5.08 -1.07
N ARG A 95 -1.16 -5.31 -2.31
CA ARG A 95 -0.36 -6.48 -2.65
C ARG A 95 0.99 -6.02 -3.18
N ILE A 96 2.07 -6.47 -2.52
CA ILE A 96 3.44 -6.04 -2.84
C ILE A 96 4.24 -7.29 -3.19
N VAL A 97 4.89 -7.27 -4.35
CA VAL A 97 5.69 -8.40 -4.83
C VAL A 97 7.15 -7.96 -4.95
N VAL A 98 8.05 -8.74 -4.34
CA VAL A 98 9.47 -8.38 -4.29
C VAL A 98 10.09 -8.58 -5.66
N ILE A 99 10.80 -7.56 -6.13
CA ILE A 99 11.61 -7.67 -7.34
C ILE A 99 13.10 -7.88 -6.99
N LYS A 100 13.67 -6.94 -6.26
CA LYS A 100 15.03 -7.06 -5.72
C LYS A 100 15.03 -7.78 -4.38
N GLU A 101 15.69 -8.95 -4.30
CA GLU A 101 15.76 -9.70 -3.05
C GLU A 101 16.46 -8.86 -1.99
N ILE A 102 15.95 -8.89 -0.75
CA ILE A 102 16.50 -8.08 0.35
C ILE A 102 16.26 -8.78 1.67
N LYS A 103 16.92 -8.31 2.73
CA LYS A 103 16.60 -8.84 4.04
C LYS A 103 15.23 -8.32 4.48
N GLY A 104 14.48 -9.16 5.22
CA GLY A 104 13.24 -8.68 5.80
C GLY A 104 13.44 -7.44 6.65
N SER A 105 14.55 -7.38 7.37
CA SER A 105 14.78 -6.25 8.26
C SER A 105 15.06 -4.96 7.50
N GLN A 106 15.47 -5.04 6.25
CA GLN A 106 15.59 -3.84 5.42
C GLN A 106 14.22 -3.27 5.01
N TYR A 107 13.23 -4.12 4.76
CA TYR A 107 11.89 -3.59 4.55
C TYR A 107 11.28 -3.12 5.86
N GLY A 108 11.47 -3.91 6.92
CA GLY A 108 11.08 -3.49 8.25
C GLY A 108 11.50 -2.07 8.59
N VAL A 109 12.77 -1.75 8.37
CA VAL A 109 13.28 -0.43 8.73
C VAL A 109 12.76 0.67 7.80
N GLN A 110 12.60 0.36 6.50
CA GLN A 110 11.96 1.32 5.59
C GLN A 110 10.55 1.61 6.08
N LEU A 111 9.79 0.55 6.40
CA LEU A 111 8.46 0.73 6.95
C LEU A 111 8.52 1.52 8.25
N GLU A 112 9.37 1.08 9.19
CA GLU A 112 9.40 1.71 10.50
C GLU A 112 9.71 3.20 10.37
N SER A 113 10.66 3.54 9.49
CA SER A 113 11.06 4.91 9.34
C SER A 113 9.96 5.73 8.70
N ALA A 114 9.24 5.16 7.72
CA ALA A 114 8.11 5.87 7.13
C ALA A 114 6.99 6.12 8.14
N VAL A 115 6.66 5.12 8.96
CA VAL A 115 5.58 5.25 9.93
C VAL A 115 6.00 6.16 11.08
N ARG A 116 7.18 5.95 11.61
CA ARG A 116 7.62 6.77 12.74
C ARG A 116 7.71 8.25 12.35
N ASP A 117 8.24 8.53 11.18
CA ASP A 117 8.33 9.90 10.70
C ASP A 117 6.97 10.56 10.66
N ARG A 118 5.95 9.85 10.19
N ARG A 118 5.95 9.85 10.18
CA ARG A 118 4.62 10.46 10.06
CA ARG A 118 4.62 10.45 10.06
C ARG A 118 3.97 10.63 11.43
C ARG A 118 3.99 10.63 11.44
N LEU A 119 4.15 9.64 12.32
CA LEU A 119 3.61 9.77 13.67
C LEU A 119 4.24 10.95 14.38
N ALA A 120 5.57 11.08 14.29
CA ALA A 120 6.26 12.19 14.92
C ALA A 120 5.74 13.53 14.40
N ALA A 121 5.60 13.66 13.07
CA ALA A 121 5.07 14.90 12.51
C ALA A 121 3.71 15.26 13.07
N ASP A 122 2.88 14.27 13.38
CA ASP A 122 1.59 14.52 14.01
C ASP A 122 1.64 14.47 15.53
N ASP A 123 2.82 14.29 16.13
CA ASP A 123 2.96 14.12 17.57
C ASP A 123 2.09 12.96 18.08
N LYS A 124 2.04 11.86 17.32
CA LYS A 124 1.30 10.67 17.71
C LYS A 124 2.23 9.47 17.98
N TYR A 125 3.49 9.71 18.24
CA TYR A 125 4.44 8.63 18.48
C TYR A 125 4.50 8.34 19.97
N GLU A 126 3.46 7.62 20.45
CA GLU A 126 3.23 7.34 21.86
C GLU A 126 3.41 5.86 22.13
N GLU A 127 3.11 5.48 23.38
CA GLU A 127 3.46 4.15 23.87
C GLU A 127 2.86 3.06 23.00
N GLU A 128 1.56 3.17 22.71
CA GLU A 128 0.88 2.12 21.95
C GLU A 128 1.41 2.03 20.53
N GLU A 129 1.61 3.18 19.88
CA GLU A 129 2.20 3.16 18.55
C GLU A 129 3.56 2.50 18.57
N GLU A 130 4.39 2.84 19.56
CA GLU A 130 5.74 2.28 19.61
C GLU A 130 5.69 0.77 19.73
N GLU A 131 4.83 0.27 20.63
CA GLU A 131 4.69 -1.16 20.83
C GLU A 131 4.20 -1.85 19.56
N ALA A 132 3.22 -1.26 18.89
CA ALA A 132 2.68 -1.90 17.70
C ALA A 132 3.73 -1.94 16.59
N LEU A 133 4.41 -0.81 16.37
CA LEU A 133 5.45 -0.74 15.35
C LEU A 133 6.58 -1.72 15.65
N GLU A 134 6.93 -1.89 16.94
CA GLU A 134 7.97 -2.86 17.29
C GLU A 134 7.57 -4.25 16.83
N LYS A 135 6.30 -4.62 17.01
CA LYS A 135 5.85 -5.96 16.63
C LYS A 135 5.92 -6.14 15.12
N VAL A 136 5.64 -5.08 14.36
CA VAL A 136 5.77 -5.17 12.91
C VAL A 136 7.23 -5.33 12.51
N VAL A 137 8.11 -4.51 13.10
CA VAL A 137 9.54 -4.64 12.82
C VAL A 137 10.05 -6.03 13.15
N GLU A 138 9.65 -6.58 14.31
CA GLU A 138 10.07 -7.94 14.64
C GLU A 138 9.59 -8.93 13.61
N PHE A 139 8.35 -8.77 13.14
CA PHE A 139 7.79 -9.66 12.12
C PHE A 139 8.67 -9.69 10.86
N PHE A 140 9.02 -8.53 10.33
CA PHE A 140 9.82 -8.53 9.11
C PHE A 140 11.27 -8.93 9.36
N GLN A 141 11.80 -8.63 10.55
CA GLN A 141 13.20 -8.97 10.86
C GLN A 141 13.47 -10.45 10.68
N SER A 142 12.47 -11.30 10.90
CA SER A 142 12.62 -12.74 10.85
C SER A 142 12.37 -13.32 9.44
N LYS A 143 12.20 -12.48 8.43
CA LYS A 143 11.96 -12.96 7.08
C LYS A 143 13.14 -12.61 6.17
N TYR A 144 13.25 -13.36 5.07
CA TYR A 144 14.14 -13.06 3.95
C TYR A 144 13.25 -12.88 2.72
N PHE A 145 13.40 -11.75 2.02
CA PHE A 145 12.51 -11.39 0.92
C PHE A 145 13.16 -11.89 -0.37
N LYS A 146 12.89 -13.13 -0.73
CA LYS A 146 13.33 -13.64 -2.02
C LYS A 146 12.47 -13.03 -3.13
N LYS A 147 13.00 -13.03 -4.35
CA LYS A 147 12.26 -12.51 -5.49
C LYS A 147 10.94 -13.26 -5.61
N ASP A 148 9.90 -12.52 -5.99
CA ASP A 148 8.52 -12.99 -6.08
C ASP A 148 7.88 -13.32 -4.72
N SER A 149 8.56 -13.07 -3.60
CA SER A 149 7.86 -13.07 -2.32
C SER A 149 6.77 -12.00 -2.38
N ILE A 150 5.75 -12.18 -1.54
CA ILE A 150 4.55 -11.35 -1.58
C ILE A 150 4.21 -10.89 -0.16
N ILE A 151 4.09 -9.59 0.01
CA ILE A 151 3.60 -8.97 1.24
C ILE A 151 2.21 -8.41 0.93
N THR A 152 1.22 -8.72 1.76
CA THR A 152 -0.12 -8.17 1.59
C THR A 152 -0.54 -7.48 2.87
N PHE A 153 -1.22 -6.35 2.69
CA PHE A 153 -1.78 -5.56 3.77
C PHE A 153 -3.28 -5.51 3.53
N HIS A 154 -4.07 -6.06 4.44
CA HIS A 154 -5.53 -6.05 4.33
C HIS A 154 -6.09 -5.09 5.38
N PHE A 155 -6.87 -4.10 4.94
CA PHE A 155 -7.43 -3.11 5.86
C PHE A 155 -8.94 -3.30 5.91
N PRO A 156 -9.48 -4.02 6.89
CA PRO A 156 -10.91 -4.34 6.86
C PRO A 156 -11.77 -3.11 7.12
N ALA A 157 -12.99 -3.14 6.59
CA ALA A 157 -13.88 -2.01 6.75
C ALA A 157 -14.41 -1.91 8.17
N THR A 158 -14.36 -3.01 8.92
CA THR A 158 -15.04 -3.13 10.20
C THR A 158 -14.18 -2.84 11.42
N SER A 159 -12.90 -2.58 11.24
CA SER A 159 -12.06 -2.13 12.35
C SER A 159 -10.90 -1.32 11.78
N PHE A 160 -10.22 -0.60 12.65
CA PHE A 160 -9.07 0.20 12.25
C PHE A 160 -7.80 -0.59 12.50
N THR A 161 -7.71 -1.71 11.80
CA THR A 161 -6.66 -2.69 11.99
C THR A 161 -6.12 -3.06 10.62
N ALA A 162 -5.07 -3.86 10.59
CA ALA A 162 -4.49 -4.32 9.35
C ALA A 162 -3.96 -5.72 9.59
N GLU A 163 -4.18 -6.62 8.67
CA GLU A 163 -3.55 -7.94 8.73
C GLU A 163 -2.45 -7.96 7.68
N ILE A 164 -1.23 -8.30 8.11
CA ILE A 164 -0.07 -8.37 7.24
C ILE A 164 0.21 -9.85 7.04
N VAL A 165 0.41 -10.26 5.78
CA VAL A 165 0.73 -11.64 5.42
C VAL A 165 2.00 -11.63 4.60
N PHE A 166 2.93 -12.49 4.95
CA PHE A 166 4.12 -12.74 4.14
C PHE A 166 4.04 -14.14 3.55
N ALA A 167 4.18 -14.25 2.24
CA ALA A 167 4.11 -15.52 1.53
C ALA A 167 5.33 -15.65 0.64
N THR A 168 5.90 -16.84 0.59
CA THR A 168 7.04 -17.16 -0.26
C THR A 168 6.93 -18.64 -0.57
N GLU A 169 7.34 -19.03 -1.76
CA GLU A 169 7.18 -20.44 -2.14
C GLU A 169 7.99 -21.31 -1.19
N GLY A 170 7.45 -22.47 -0.86
CA GLY A 170 8.11 -23.36 0.08
C GLY A 170 7.58 -23.27 1.49
N LYS A 171 7.53 -22.06 2.03
CA LYS A 171 7.12 -21.85 3.41
C LYS A 171 5.62 -21.60 3.47
N GLU A 172 5.07 -21.83 4.65
CA GLU A 172 3.66 -21.50 4.89
C GLU A 172 3.51 -19.99 5.09
N GLU A 173 2.30 -19.49 4.84
CA GLU A 173 2.01 -18.08 5.05
C GLU A 173 2.27 -17.72 6.52
N SER A 174 2.91 -16.58 6.74
CA SER A 174 3.13 -15.97 8.05
C SER A 174 2.30 -14.68 8.16
N LYS A 175 1.66 -14.47 9.33
CA LYS A 175 0.65 -13.41 9.48
C LYS A 175 0.77 -12.70 10.81
N ILE A 176 0.48 -11.39 10.82
N ILE A 176 0.40 -11.42 10.82
CA ILE A 176 0.31 -10.64 12.06
CA ILE A 176 0.36 -10.60 12.05
C ILE A 176 -0.84 -9.66 11.87
C ILE A 176 -0.74 -9.54 11.89
N THR A 177 -1.40 -9.22 12.99
CA THR A 177 -2.51 -8.26 12.98
C THR A 177 -2.03 -7.03 13.75
N VAL A 178 -2.11 -5.87 13.08
CA VAL A 178 -1.75 -4.59 13.68
C VAL A 178 -3.03 -4.01 14.27
N GLU A 179 -3.01 -3.72 15.56
CA GLU A 179 -4.23 -3.29 16.26
C GLU A 179 -4.26 -1.80 16.54
N ASN A 180 -3.19 -1.09 16.25
CA ASN A 180 -3.12 0.33 16.54
C ASN A 180 -3.55 1.11 15.31
N ALA A 181 -4.60 1.92 15.48
CA ALA A 181 -5.19 2.64 14.35
C ALA A 181 -4.18 3.59 13.72
N ASN A 182 -3.41 4.30 14.56
CA ASN A 182 -2.49 5.29 14.02
C ASN A 182 -1.40 4.64 13.19
N VAL A 183 -0.85 3.51 13.66
CA VAL A 183 0.17 2.82 12.88
C VAL A 183 -0.43 2.35 11.56
N VAL A 184 -1.64 1.79 11.61
CA VAL A 184 -2.32 1.33 10.39
C VAL A 184 -2.54 2.49 9.42
N GLU A 185 -2.90 3.67 9.92
CA GLU A 185 -3.12 4.81 9.06
C GLU A 185 -1.85 5.21 8.35
N MET A 186 -0.71 5.23 9.07
CA MET A 186 0.54 5.66 8.46
C MET A 186 1.06 4.64 7.48
N ILE A 187 0.77 3.36 7.69
CA ILE A 187 1.10 2.37 6.66
C ILE A 187 0.35 2.65 5.37
N LYS A 188 -0.96 2.91 5.48
CA LYS A 188 -1.74 3.31 4.31
C LYS A 188 -1.14 4.56 3.67
N LYS A 189 -0.77 5.55 4.48
CA LYS A 189 -0.21 6.77 3.88
C LYS A 189 1.15 6.56 3.21
N TRP A 190 1.96 5.64 3.72
CA TRP A 190 3.23 5.34 3.07
C TRP A 190 3.00 5.00 1.60
N TYR A 191 2.02 4.17 1.33
CA TYR A 191 1.72 3.72 -0.01
C TYR A 191 0.76 4.60 -0.77
N LEU A 192 -0.08 5.37 -0.09
CA LEU A 192 -1.20 5.99 -0.79
C LEU A 192 -1.31 7.49 -0.67
N GLY A 193 -0.36 8.15 -0.02
CA GLY A 193 -0.52 9.59 0.32
C GLY A 193 -0.10 10.56 -0.78
N GLY A 194 -0.61 10.37 -2.00
CA GLY A 194 -0.49 11.41 -2.99
C GLY A 194 0.96 11.67 -3.34
N THR A 195 1.33 12.95 -3.29
CA THR A 195 2.67 13.37 -3.63
C THR A 195 3.72 12.87 -2.64
N ARG A 196 3.30 12.31 -1.51
CA ARG A 196 4.24 11.78 -0.52
C ARG A 196 4.30 10.26 -0.54
N GLY A 197 3.56 9.62 -1.43
CA GLY A 197 3.61 8.17 -1.52
C GLY A 197 4.95 7.66 -1.97
N VAL A 198 5.27 6.46 -1.50
CA VAL A 198 6.55 5.83 -1.81
C VAL A 198 6.63 5.45 -3.29
N SER A 199 5.49 5.35 -3.97
CA SER A 199 5.46 4.92 -5.36
C SER A 199 4.67 5.92 -6.18
N PRO A 200 5.34 6.90 -6.79
CA PRO A 200 4.63 7.85 -7.65
C PRO A 200 3.93 7.19 -8.84
N THR A 201 4.46 6.08 -9.37
CA THR A 201 3.77 5.42 -10.46
C THR A 201 2.41 4.88 -10.00
N THR A 202 2.36 4.30 -8.81
CA THR A 202 1.09 3.79 -8.29
C THR A 202 0.10 4.92 -8.07
N ILE A 203 0.59 6.06 -7.57
CA ILE A 203 -0.28 7.23 -7.36
C ILE A 203 -0.90 7.69 -8.68
N SER A 204 -0.07 7.77 -9.72
CA SER A 204 -0.56 8.25 -11.01
C SER A 204 -1.58 7.29 -11.58
N ALA A 205 -1.31 5.99 -11.49
CA ALA A 205 -2.27 5.01 -11.99
C ALA A 205 -3.59 5.10 -11.25
N LEU A 206 -3.55 5.15 -9.93
CA LEU A 206 -4.79 5.27 -9.16
C LEU A 206 -5.54 6.54 -9.53
N ALA A 207 -4.82 7.65 -9.57
CA ALA A 207 -5.43 8.94 -9.84
C ALA A 207 -6.04 8.96 -11.23
N ASN A 208 -5.33 8.40 -12.23
CA ASN A 208 -5.95 8.32 -13.57
C ASN A 208 -7.14 7.37 -13.58
N THR A 209 -7.02 6.22 -12.93
CA THR A 209 -8.15 5.29 -12.96
C THR A 209 -9.34 5.91 -12.26
N LEU A 210 -9.11 6.55 -11.10
CA LEU A 210 -10.25 7.08 -10.36
C LEU A 210 -10.84 8.29 -11.06
N ALA A 211 -10.01 9.14 -11.67
CA ALA A 211 -10.54 10.26 -12.44
C ALA A 211 -11.47 9.77 -13.54
N THR A 212 -11.09 8.73 -14.25
CA THR A 212 -11.95 8.21 -15.31
C THR A 212 -13.25 7.69 -14.72
N GLU A 213 -13.18 6.90 -13.64
CA GLU A 213 -14.44 6.39 -13.08
C GLU A 213 -15.28 7.54 -12.53
N LEU A 214 -14.65 8.54 -11.93
CA LEU A 214 -15.41 9.66 -11.39
C LEU A 214 -16.03 10.56 -12.46
N SER A 215 -15.63 10.43 -13.72
CA SER A 215 -16.19 11.23 -14.78
C SER A 215 -17.48 10.66 -15.34
N LYS A 216 -17.81 9.42 -14.99
CA LYS A 216 -18.93 8.72 -15.54
C LYS A 216 -20.20 8.99 -14.74
#